data_6B3V
#
_entry.id   6B3V
#
_cell.length_a   98.874
_cell.length_b   98.874
_cell.length_c   69.117
_cell.angle_alpha   90.00
_cell.angle_beta   90.00
_cell.angle_gamma   120.00
#
_symmetry.space_group_name_H-M   'P 31 2 1'
#
loop_
_entity.id
_entity.type
_entity.pdbx_description
1 polymer 'Pantothenate kinase 3'
2 non-polymer 'PHOSPHOAMINOPHOSPHONIC ACID-ADENYLATE ESTER'
3 non-polymer 'MAGNESIUM ION'
4 non-polymer 1,2-ETHANEDIOL
5 non-polymer 6-(4-{[4-(propan-2-yl)phenyl]acetyl}piperazin-1-yl)pyridazine-3-carbonitrile
6 water water
#
_entity_poly.entity_id   1
_entity_poly.type   'polypeptide(L)'
_entity_poly.pdbx_seq_one_letter_code
;MGSSHHHHHHSSGLVPRGSPWFGMDIGGTLVKLSYFEPIDITAEEEQEEVESLKSIRKYLTSNVAYGSTGIRDVHLELKD
LTLFGRRGNLHFIRFPTQDLPTFIQMGRDKNFSTLQTVLCATGGGAYKFEKDFRTIGNLHLHKLDELDCLVKGLLYIDSV
SFNGQAECYYFANASEPERCQKMPFNLDDPYPLLVVNIGSGVSILAVHSKDNYKRVTGTSLGGGTFLGLCSLLTGCESFE
EALEMASKGDSTQADKLVRDIYGGDYERFGLPGWAVASSFGNMIYKEKRESVSKEDLARATLVTITNNIGSVARMCAVNE
KINRVVFVGNFLRVNTLSMKLLAYALDYWSKGQLKALFLEHEGYFGAVGALLGLPNFSDD
;
_entity_poly.pdbx_strand_id   A
#
# COMPACT_ATOMS: atom_id res chain seq x y z
N SER A 19 24.69 9.73 -12.32
CA SER A 19 24.13 8.46 -11.89
C SER A 19 22.62 8.44 -12.14
N PRO A 20 22.03 7.26 -12.27
CA PRO A 20 20.58 7.18 -12.37
C PRO A 20 19.93 7.64 -11.07
N TRP A 21 18.73 8.20 -11.20
CA TRP A 21 17.99 8.72 -10.05
C TRP A 21 16.94 7.68 -9.66
N PHE A 22 17.19 7.02 -8.52
CA PHE A 22 16.35 5.98 -7.94
C PHE A 22 15.95 6.40 -6.53
N GLY A 23 14.78 5.95 -6.11
CA GLY A 23 14.48 5.84 -4.68
C GLY A 23 13.97 4.43 -4.42
N MET A 24 14.34 3.88 -3.26
CA MET A 24 13.98 2.49 -2.99
C MET A 24 13.41 2.37 -1.59
N ASP A 25 12.32 1.63 -1.47
CA ASP A 25 11.70 1.32 -0.18
C ASP A 25 11.74 -0.20 -0.04
N ILE A 26 12.60 -0.71 0.84
CA ILE A 26 12.79 -2.15 1.02
C ILE A 26 11.94 -2.55 2.23
N GLY A 27 10.76 -3.10 1.98
CA GLY A 27 9.86 -3.48 3.04
C GLY A 27 10.08 -4.92 3.49
N GLY A 28 9.26 -5.34 4.45
CA GLY A 28 9.32 -6.71 4.91
C GLY A 28 8.87 -7.72 3.89
N THR A 29 8.08 -7.31 2.89
CA THR A 29 7.61 -8.22 1.85
C THR A 29 8.02 -7.77 0.45
N LEU A 30 7.83 -6.49 0.13
CA LEU A 30 8.09 -6.00 -1.23
C LEU A 30 9.11 -4.87 -1.23
N VAL A 31 9.93 -4.86 -2.29
CA VAL A 31 10.78 -3.72 -2.60
C VAL A 31 10.03 -2.87 -3.60
N LYS A 32 9.98 -1.57 -3.35
CA LYS A 32 9.41 -0.62 -4.28
C LYS A 32 10.51 0.30 -4.75
N LEU A 33 10.54 0.56 -6.05
CA LEU A 33 11.59 1.36 -6.67
C LEU A 33 10.93 2.45 -7.50
N SER A 34 11.32 3.70 -7.28
CA SER A 34 10.92 4.78 -8.17
C SER A 34 12.12 5.20 -8.99
N TYR A 35 11.94 5.33 -10.30
CA TYR A 35 13.04 5.62 -11.21
C TYR A 35 12.66 6.81 -12.07
N PHE A 36 13.50 7.84 -12.07
CA PHE A 36 13.27 9.02 -12.91
C PHE A 36 14.03 8.88 -14.22
N GLU A 37 13.27 8.77 -15.32
CA GLU A 37 13.83 8.67 -16.66
C GLU A 37 13.89 10.06 -17.28
N PRO A 38 15.07 10.65 -17.46
CA PRO A 38 15.14 11.96 -18.11
C PRO A 38 14.68 11.87 -19.56
N ILE A 39 13.92 12.87 -20.00
CA ILE A 39 13.46 12.94 -21.38
C ILE A 39 13.91 14.22 -22.07
N ASP A 40 14.82 14.96 -21.44
CA ASP A 40 15.36 16.20 -22.02
C ASP A 40 16.86 16.05 -22.27
N ILE A 41 17.27 14.85 -22.68
CA ILE A 41 18.69 14.59 -22.91
C ILE A 41 19.14 15.30 -24.17
N THR A 42 20.20 16.10 -24.05
CA THR A 42 20.74 16.79 -25.21
C THR A 42 21.67 15.87 -26.00
N ALA A 43 22.01 16.31 -27.22
CA ALA A 43 22.92 15.53 -28.06
C ALA A 43 24.29 15.39 -27.40
N GLU A 44 24.77 16.44 -26.75
CA GLU A 44 26.05 16.36 -26.05
C GLU A 44 25.96 15.44 -24.84
N GLU A 45 24.86 15.51 -24.08
CA GLU A 45 24.70 14.63 -22.93
C GLU A 45 24.66 13.17 -23.35
N GLU A 46 24.06 12.88 -24.50
CA GLU A 46 24.01 11.50 -24.98
C GLU A 46 25.41 10.98 -25.30
N GLN A 47 26.26 11.82 -25.85
CA GLN A 47 27.65 11.43 -26.08
C GLN A 47 28.36 11.15 -24.76
N GLU A 48 28.17 12.03 -23.77
CA GLU A 48 28.94 11.97 -22.54
C GLU A 48 28.52 10.85 -21.60
N GLU A 49 27.38 10.19 -21.85
CA GLU A 49 26.92 9.16 -20.94
C GLU A 49 27.59 7.82 -21.24
N VAL A 50 27.98 7.11 -20.19
CA VAL A 50 28.71 5.87 -20.35
C VAL A 50 27.74 4.75 -20.71
N GLU A 51 28.29 3.69 -21.32
CA GLU A 51 27.45 2.63 -21.89
C GLU A 51 26.59 1.96 -20.83
N SER A 52 27.15 1.74 -19.63
CA SER A 52 26.36 1.09 -18.58
C SER A 52 25.15 1.93 -18.19
N LEU A 53 25.30 3.25 -18.17
CA LEU A 53 24.18 4.13 -17.87
C LEU A 53 23.09 4.04 -18.94
N LYS A 54 23.49 4.10 -20.21
CA LYS A 54 22.55 3.88 -21.30
C LYS A 54 21.93 2.49 -21.21
N SER A 55 22.73 1.49 -20.81
CA SER A 55 22.22 0.13 -20.71
C SER A 55 21.12 0.01 -19.66
N ILE A 56 21.29 0.67 -18.51
CA ILE A 56 20.27 0.62 -17.47
C ILE A 56 18.99 1.29 -17.94
N ARG A 57 19.12 2.47 -18.54
CA ARG A 57 17.93 3.20 -18.98
C ARG A 57 17.16 2.39 -20.03
N LYS A 58 17.87 1.79 -20.97
CA LYS A 58 17.23 0.97 -22.00
C LYS A 58 16.55 -0.24 -21.37
N TYR A 59 17.23 -0.92 -20.45
CA TYR A 59 16.66 -2.11 -19.84
C TYR A 59 15.38 -1.78 -19.09
N LEU A 60 15.39 -0.70 -18.31
CA LEU A 60 14.23 -0.37 -17.48
C LEU A 60 13.06 0.10 -18.34
N THR A 61 13.32 0.86 -19.40
CA THR A 61 12.22 1.44 -20.18
C THR A 61 11.74 0.55 -21.33
N SER A 62 12.50 -0.48 -21.72
CA SER A 62 12.09 -1.36 -22.80
C SER A 62 11.47 -2.66 -22.31
N ASN A 63 11.42 -2.88 -21.00
CA ASN A 63 10.81 -4.07 -20.42
C ASN A 63 9.79 -3.66 -19.36
N VAL A 64 8.75 -4.46 -19.24
CA VAL A 64 7.77 -4.27 -18.17
C VAL A 64 7.82 -5.39 -17.16
N ALA A 65 8.47 -6.50 -17.48
CA ALA A 65 8.78 -7.55 -16.53
C ALA A 65 10.29 -7.65 -16.45
N TYR A 66 10.82 -7.76 -15.23
CA TYR A 66 12.26 -7.84 -15.03
C TYR A 66 12.57 -9.17 -14.36
N GLY A 67 13.37 -10.01 -15.01
CA GLY A 67 13.56 -11.32 -14.44
C GLY A 67 12.23 -12.05 -14.35
N SER A 68 12.11 -12.90 -13.33
CA SER A 68 10.88 -13.65 -13.15
C SER A 68 9.94 -13.02 -12.16
N THR A 69 10.37 -12.01 -11.40
CA THR A 69 9.49 -11.48 -10.37
C THR A 69 9.42 -9.96 -10.28
N GLY A 70 10.15 -9.21 -11.10
CA GLY A 70 10.04 -7.76 -11.09
C GLY A 70 8.99 -7.28 -12.10
N ILE A 71 8.24 -6.26 -11.70
CA ILE A 71 7.14 -5.73 -12.52
C ILE A 71 7.20 -4.20 -12.52
N ARG A 72 7.07 -3.61 -13.69
CA ARG A 72 6.86 -2.17 -13.80
C ARG A 72 5.36 -1.91 -13.92
N ASP A 73 4.84 -1.09 -13.02
CA ASP A 73 3.42 -0.71 -13.04
C ASP A 73 3.26 0.46 -13.99
N VAL A 74 3.14 0.15 -15.28
CA VAL A 74 3.14 1.17 -16.34
C VAL A 74 2.00 2.15 -16.17
N HIS A 75 0.83 1.69 -15.68
CA HIS A 75 -0.32 2.57 -15.57
C HIS A 75 -0.10 3.70 -14.57
N LEU A 76 0.85 3.55 -13.65
CA LEU A 76 1.13 4.58 -12.65
C LEU A 76 2.15 5.62 -13.11
N GLU A 77 2.76 5.46 -14.28
CA GLU A 77 3.84 6.34 -14.70
C GLU A 77 3.40 7.80 -14.69
N LEU A 78 4.23 8.66 -14.12
CA LEU A 78 4.01 10.10 -14.21
C LEU A 78 4.84 10.62 -15.39
N LYS A 79 4.17 11.20 -16.38
CA LYS A 79 4.83 11.59 -17.60
C LYS A 79 5.12 13.09 -17.59
N ASP A 80 6.32 13.44 -18.02
CA ASP A 80 6.74 14.84 -18.19
C ASP A 80 6.68 15.60 -16.88
N LEU A 81 7.23 14.98 -15.84
CA LEU A 81 7.40 15.57 -14.53
C LEU A 81 8.69 16.37 -14.49
N THR A 82 8.64 17.55 -13.87
CA THR A 82 9.84 18.35 -13.64
C THR A 82 10.36 18.03 -12.25
N LEU A 83 11.57 17.48 -12.19
CA LEU A 83 12.15 17.05 -10.92
C LEU A 83 13.62 17.45 -10.92
N PHE A 84 14.04 18.15 -9.86
CA PHE A 84 15.41 18.61 -9.72
C PHE A 84 15.87 19.42 -10.94
N GLY A 85 14.94 20.19 -11.52
CA GLY A 85 15.27 21.03 -12.66
C GLY A 85 15.37 20.33 -13.99
N ARG A 86 14.96 19.06 -14.07
CA ARG A 86 14.96 18.31 -15.32
C ARG A 86 13.56 17.78 -15.57
N ARG A 87 13.26 17.54 -16.84
CA ARG A 87 11.99 16.93 -17.22
C ARG A 87 12.21 15.44 -17.48
N GLY A 88 11.25 14.63 -17.06
CA GLY A 88 11.37 13.21 -17.27
C GLY A 88 10.09 12.48 -16.91
N ASN A 89 10.16 11.15 -16.95
CA ASN A 89 9.05 10.30 -16.58
C ASN A 89 9.41 9.58 -15.29
N LEU A 90 8.46 9.52 -14.36
CA LEU A 90 8.66 8.81 -13.11
C LEU A 90 8.03 7.42 -13.21
N HIS A 91 8.85 6.38 -13.05
CA HIS A 91 8.44 5.00 -13.18
C HIS A 91 8.34 4.32 -11.82
N PHE A 92 7.45 3.31 -11.74
CA PHE A 92 7.17 2.62 -10.48
C PHE A 92 7.35 1.12 -10.69
N ILE A 93 8.24 0.53 -9.90
CA ILE A 93 8.69 -0.85 -10.11
C ILE A 93 8.66 -1.57 -8.75
N ARG A 94 8.26 -2.85 -8.77
CA ARG A 94 8.23 -3.61 -7.53
C ARG A 94 8.72 -5.03 -7.75
N PHE A 95 9.28 -5.62 -6.69
CA PHE A 95 9.69 -7.03 -6.70
C PHE A 95 9.75 -7.52 -5.27
N PRO A 96 9.73 -8.84 -5.05
CA PRO A 96 9.72 -9.33 -3.66
C PRO A 96 11.06 -9.07 -2.99
N THR A 97 10.98 -8.72 -1.69
CA THR A 97 12.22 -8.56 -0.93
C THR A 97 13.04 -9.84 -0.93
N GLN A 98 12.37 -11.00 -0.99
CA GLN A 98 13.08 -12.28 -1.08
C GLN A 98 14.05 -12.32 -2.26
N ASP A 99 13.80 -11.54 -3.30
CA ASP A 99 14.65 -11.54 -4.50
C ASP A 99 15.64 -10.39 -4.52
N LEU A 100 15.77 -9.62 -3.44
CA LEU A 100 16.79 -8.59 -3.41
C LEU A 100 18.20 -9.12 -3.68
N PRO A 101 18.60 -10.31 -3.20
CA PRO A 101 19.93 -10.83 -3.59
C PRO A 101 20.15 -10.88 -5.09
N THR A 102 19.13 -11.25 -5.87
CA THR A 102 19.25 -11.22 -7.33
C THR A 102 19.45 -9.80 -7.85
N PHE A 103 18.69 -8.83 -7.30
CA PHE A 103 18.86 -7.44 -7.70
C PHE A 103 20.27 -6.96 -7.42
N ILE A 104 20.80 -7.25 -6.24
CA ILE A 104 22.12 -6.78 -5.88
C ILE A 104 23.19 -7.44 -6.74
N GLN A 105 23.00 -8.73 -7.06
CA GLN A 105 23.93 -9.43 -7.94
C GLN A 105 23.93 -8.82 -9.34
N MET A 106 22.75 -8.52 -9.89
CA MET A 106 22.68 -7.78 -11.14
C MET A 106 23.45 -6.46 -11.04
N GLY A 107 23.27 -5.73 -9.95
CA GLY A 107 23.93 -4.45 -9.78
C GLY A 107 25.44 -4.53 -9.65
N ARG A 108 25.97 -5.67 -9.19
CA ARG A 108 27.40 -5.82 -9.02
C ARG A 108 28.13 -6.18 -10.31
N ASP A 109 27.45 -6.77 -11.28
CA ASP A 109 28.12 -7.23 -12.49
C ASP A 109 27.77 -6.36 -13.70
N THR A 117 26.84 5.60 -8.18
CA THR A 117 25.42 5.77 -7.88
C THR A 117 25.23 6.16 -6.42
N VAL A 118 24.30 7.06 -6.17
CA VAL A 118 23.86 7.40 -4.82
C VAL A 118 22.46 6.84 -4.65
N LEU A 119 22.30 5.91 -3.70
CA LEU A 119 21.02 5.24 -3.52
C LEU A 119 20.41 5.71 -2.21
N CYS A 120 19.33 6.46 -2.30
CA CYS A 120 18.52 6.77 -1.14
C CYS A 120 17.53 5.64 -0.93
N ALA A 121 17.58 5.03 0.24
CA ALA A 121 16.83 3.82 0.53
C ALA A 121 16.11 3.98 1.85
N THR A 122 14.91 3.43 1.93
CA THR A 122 14.11 3.48 3.14
C THR A 122 13.49 2.09 3.35
N GLY A 123 12.58 2.01 4.32
CA GLY A 123 12.08 0.73 4.80
C GLY A 123 13.08 0.03 5.70
N GLY A 124 12.60 -1.01 6.39
CA GLY A 124 13.47 -1.75 7.28
C GLY A 124 14.67 -2.34 6.58
N GLY A 125 14.49 -2.72 5.31
CA GLY A 125 15.58 -3.34 4.58
C GLY A 125 16.73 -2.42 4.25
N ALA A 126 16.52 -1.10 4.31
CA ALA A 126 17.65 -0.19 4.18
C ALA A 126 18.68 -0.43 5.28
N TYR A 127 18.22 -0.79 6.46
CA TYR A 127 19.11 -1.16 7.55
C TYR A 127 19.52 -2.63 7.47
N LYS A 128 18.53 -3.53 7.29
CA LYS A 128 18.83 -4.96 7.32
C LYS A 128 19.86 -5.34 6.26
N PHE A 129 19.76 -4.75 5.06
CA PHE A 129 20.61 -5.13 3.95
C PHE A 129 21.65 -4.08 3.63
N GLU A 130 21.94 -3.18 4.57
CA GLU A 130 22.95 -2.14 4.35
C GLU A 130 24.28 -2.74 3.89
N LYS A 131 24.76 -3.78 4.58
CA LYS A 131 26.04 -4.37 4.23
C LYS A 131 26.00 -5.00 2.85
N ASP A 132 24.82 -5.45 2.40
CA ASP A 132 24.73 -6.08 1.09
C ASP A 132 24.81 -5.03 -0.01
N PHE A 133 24.15 -3.89 0.18
CA PHE A 133 24.27 -2.82 -0.82
C PHE A 133 25.71 -2.34 -0.96
N ARG A 134 26.49 -2.39 0.11
CA ARG A 134 27.86 -1.92 0.05
C ARG A 134 28.80 -2.92 -0.64
N THR A 135 28.32 -4.10 -1.03
CA THR A 135 29.09 -4.97 -1.91
C THR A 135 29.19 -4.40 -3.32
N ILE A 136 28.31 -3.47 -3.68
CA ILE A 136 28.38 -2.78 -4.96
C ILE A 136 29.40 -1.65 -4.82
N GLY A 137 30.48 -1.74 -5.58
CA GLY A 137 31.63 -0.89 -5.34
C GLY A 137 31.29 0.59 -5.50
N ASN A 138 31.83 1.40 -4.60
CA ASN A 138 31.69 2.85 -4.60
C ASN A 138 30.24 3.33 -4.49
N LEU A 139 29.27 2.41 -4.50
CA LEU A 139 27.88 2.80 -4.29
C LEU A 139 27.72 3.44 -2.93
N HIS A 140 26.99 4.54 -2.88
CA HIS A 140 26.79 5.31 -1.66
C HIS A 140 25.34 5.15 -1.21
N LEU A 141 25.14 4.46 -0.10
CA LEU A 141 23.81 4.22 0.43
C LEU A 141 23.48 5.26 1.49
N HIS A 142 22.30 5.86 1.40
CA HIS A 142 21.83 6.83 2.38
C HIS A 142 20.50 6.33 2.91
N LYS A 143 20.47 6.00 4.19
CA LYS A 143 19.27 5.40 4.79
C LYS A 143 18.35 6.52 5.28
N LEU A 144 17.07 6.43 4.92
CA LEU A 144 16.05 7.41 5.30
C LEU A 144 14.89 6.72 5.99
N ASP A 145 14.18 7.46 6.84
CA ASP A 145 13.14 6.85 7.68
C ASP A 145 11.90 6.51 6.87
N GLU A 146 11.33 5.32 7.14
CA GLU A 146 10.27 4.78 6.30
C GLU A 146 8.99 5.60 6.41
N LEU A 147 8.72 6.17 7.57
CA LEU A 147 7.49 6.97 7.70
C LEU A 147 7.71 8.41 7.25
N ASP A 148 8.90 9.00 7.48
CA ASP A 148 9.23 10.28 6.87
C ASP A 148 9.07 10.24 5.34
N CYS A 149 9.59 9.18 4.73
CA CYS A 149 9.53 9.07 3.27
C CYS A 149 8.10 8.87 2.80
N LEU A 150 7.31 8.09 3.54
CA LEU A 150 5.90 7.92 3.21
C LEU A 150 5.18 9.27 3.18
N VAL A 151 5.36 10.09 4.22
CA VAL A 151 4.66 11.36 4.29
C VAL A 151 5.12 12.28 3.16
N LYS A 152 6.43 12.39 2.95
CA LYS A 152 6.94 13.28 1.92
C LYS A 152 6.50 12.83 0.53
N GLY A 153 6.49 11.52 0.27
CA GLY A 153 6.11 11.03 -1.04
C GLY A 153 4.63 11.22 -1.31
N LEU A 154 3.80 10.97 -0.30
CA LEU A 154 2.35 11.17 -0.44
C LEU A 154 2.02 12.62 -0.75
N LEU A 155 2.59 13.55 0.02
CA LEU A 155 2.31 14.96 -0.22
C LEU A 155 2.82 15.41 -1.57
N TYR A 156 3.96 14.86 -2.01
CA TYR A 156 4.53 15.25 -3.28
C TYR A 156 3.67 14.78 -4.44
N ILE A 157 3.29 13.50 -4.44
CA ILE A 157 2.50 13.00 -5.57
C ILE A 157 1.15 13.69 -5.63
N ASP A 158 0.50 13.90 -4.48
CA ASP A 158 -0.77 14.62 -4.56
C ASP A 158 -0.58 16.04 -5.08
N SER A 159 0.57 16.66 -4.79
CA SER A 159 0.80 18.04 -5.21
C SER A 159 0.99 18.13 -6.73
N VAL A 160 1.68 17.16 -7.33
CA VAL A 160 1.95 17.24 -8.77
C VAL A 160 0.82 16.66 -9.62
N SER A 161 -0.15 15.97 -9.00
CA SER A 161 -1.28 15.29 -9.63
C SER A 161 -0.86 14.02 -10.36
N PHE A 162 -1.85 13.21 -10.71
CA PHE A 162 -1.66 11.98 -11.48
C PHE A 162 -1.94 12.32 -12.94
N ASN A 163 -0.93 12.89 -13.59
CA ASN A 163 -1.03 13.32 -14.99
C ASN A 163 -2.29 14.16 -15.21
N GLY A 164 -2.53 15.08 -14.27
CA GLY A 164 -3.64 16.01 -14.37
C GLY A 164 -4.91 15.56 -13.69
N GLN A 165 -5.02 14.28 -13.33
CA GLN A 165 -6.13 13.73 -12.56
C GLN A 165 -5.81 13.74 -11.07
N ALA A 166 -6.87 13.64 -10.27
CA ALA A 166 -6.67 13.55 -8.83
C ALA A 166 -5.92 12.28 -8.45
N GLU A 167 -4.97 12.44 -7.53
CA GLU A 167 -4.31 11.27 -6.96
C GLU A 167 -5.17 10.60 -5.89
N CYS A 168 -6.06 11.35 -5.25
CA CYS A 168 -6.86 10.86 -4.13
C CYS A 168 -8.29 10.63 -4.57
N TYR A 169 -8.90 9.55 -4.08
CA TYR A 169 -10.29 9.27 -4.37
C TYR A 169 -10.99 8.71 -3.15
N TYR A 170 -12.32 8.70 -3.22
CA TYR A 170 -13.15 8.09 -2.19
C TYR A 170 -14.26 7.32 -2.90
N PHE A 171 -15.04 6.56 -2.14
CA PHE A 171 -16.21 5.89 -2.70
C PHE A 171 -17.45 6.65 -2.27
N ALA A 172 -18.11 7.29 -3.23
CA ALA A 172 -19.31 8.05 -2.94
C ALA A 172 -20.45 7.09 -2.64
N ASN A 173 -21.31 7.46 -1.69
CA ASN A 173 -22.48 6.69 -1.33
C ASN A 173 -22.11 5.24 -1.06
N ALA A 174 -21.08 5.05 -0.23
CA ALA A 174 -20.52 3.73 0.01
C ALA A 174 -21.51 2.78 0.68
N SER A 175 -22.55 3.33 1.32
CA SER A 175 -23.55 2.50 1.98
C SER A 175 -24.57 1.91 1.01
N GLU A 176 -24.61 2.37 -0.24
CA GLU A 176 -25.63 1.95 -1.20
C GLU A 176 -24.98 1.31 -2.42
N PRO A 177 -25.10 -0.01 -2.60
CA PRO A 177 -24.37 -0.67 -3.69
C PRO A 177 -24.74 -0.15 -5.07
N GLU A 178 -26.02 0.18 -5.31
CA GLU A 178 -26.44 0.67 -6.62
C GLU A 178 -25.88 2.05 -6.91
N ARG A 179 -25.43 2.78 -5.88
CA ARG A 179 -24.88 4.12 -6.05
C ARG A 179 -23.37 4.19 -5.88
N CYS A 180 -22.77 3.22 -5.20
CA CYS A 180 -21.38 3.33 -4.80
C CYS A 180 -20.46 3.47 -6.02
N GLN A 181 -19.64 4.51 -6.03
CA GLN A 181 -18.76 4.72 -7.16
C GLN A 181 -17.53 5.52 -6.74
N LYS A 182 -16.39 5.15 -7.32
CA LYS A 182 -15.15 5.90 -7.14
C LYS A 182 -15.29 7.33 -7.63
N MET A 183 -14.89 8.30 -6.79
CA MET A 183 -14.92 9.73 -7.16
C MET A 183 -13.64 10.42 -6.71
N PRO A 184 -13.12 11.36 -7.50
CA PRO A 184 -11.92 12.10 -7.08
C PRO A 184 -12.17 12.94 -5.83
N PHE A 185 -11.11 13.16 -5.05
CA PHE A 185 -11.19 13.91 -3.79
C PHE A 185 -10.02 14.88 -3.70
N ASN A 186 -10.32 16.15 -3.40
CA ASN A 186 -9.29 17.20 -3.38
C ASN A 186 -8.59 17.23 -2.03
N LEU A 187 -7.26 17.07 -2.05
CA LEU A 187 -6.41 17.19 -0.87
C LEU A 187 -5.50 18.42 -0.95
N ASP A 188 -6.03 19.55 -1.47
CA ASP A 188 -5.19 20.74 -1.63
C ASP A 188 -4.66 21.25 -0.30
N ASP A 189 -5.49 21.20 0.75
CA ASP A 189 -5.08 21.53 2.11
C ASP A 189 -5.20 20.25 2.91
N PRO A 190 -4.19 19.39 2.88
CA PRO A 190 -4.33 18.02 3.39
C PRO A 190 -4.29 17.91 4.91
N TYR A 191 -4.06 18.99 5.64
CA TYR A 191 -3.87 18.76 7.05
C TYR A 191 -5.10 19.15 7.85
N PRO A 192 -5.42 18.44 8.94
CA PRO A 192 -4.71 17.23 9.38
C PRO A 192 -5.20 16.00 8.65
N LEU A 193 -4.46 14.89 8.78
CA LEU A 193 -4.70 13.71 7.98
C LEU A 193 -4.25 12.52 8.80
N LEU A 194 -5.07 11.48 8.85
CA LEU A 194 -4.66 10.20 9.41
C LEU A 194 -4.26 9.28 8.26
N VAL A 195 -3.03 8.79 8.29
CA VAL A 195 -2.51 7.95 7.22
C VAL A 195 -2.37 6.54 7.78
N VAL A 196 -3.03 5.58 7.13
CA VAL A 196 -3.03 4.19 7.60
C VAL A 196 -2.25 3.39 6.57
N ASN A 197 -1.04 2.95 6.93
CA ASN A 197 -0.15 2.30 5.98
C ASN A 197 -0.24 0.80 6.19
N ILE A 198 -0.91 0.10 5.27
CA ILE A 198 -1.17 -1.33 5.42
C ILE A 198 -0.16 -2.06 4.55
N GLY A 199 0.96 -2.46 5.17
CA GLY A 199 1.95 -3.30 4.53
C GLY A 199 1.93 -4.68 5.13
N SER A 200 3.11 -5.25 5.40
CA SER A 200 3.16 -6.51 6.15
C SER A 200 2.42 -6.34 7.47
N GLY A 201 2.75 -5.27 8.19
CA GLY A 201 2.02 -4.83 9.36
C GLY A 201 1.47 -3.44 9.08
N VAL A 202 0.83 -2.82 10.07
CA VAL A 202 0.12 -1.57 9.86
C VAL A 202 0.73 -0.48 10.74
N SER A 203 1.07 0.66 10.14
CA SER A 203 1.42 1.87 10.90
C SER A 203 0.34 2.91 10.71
N ILE A 204 0.01 3.65 11.77
CA ILE A 204 -1.00 4.71 11.70
C ILE A 204 -0.35 6.02 12.10
N LEU A 205 -0.46 7.01 11.22
CA LEU A 205 0.19 8.30 11.37
C LEU A 205 -0.86 9.40 11.48
N ALA A 206 -0.60 10.37 12.35
CA ALA A 206 -1.37 11.61 12.41
C ALA A 206 -0.47 12.70 11.85
N VAL A 207 -0.86 13.27 10.72
CA VAL A 207 -0.05 14.28 10.03
C VAL A 207 -0.70 15.64 10.24
N HIS A 208 0.01 16.54 10.92
CA HIS A 208 -0.49 17.88 11.22
C HIS A 208 0.04 18.96 10.30
N SER A 209 1.22 18.77 9.74
CA SER A 209 1.77 19.68 8.74
C SER A 209 2.82 18.92 7.94
N LYS A 210 3.43 19.61 6.96
CA LYS A 210 4.45 18.98 6.15
C LYS A 210 5.62 18.47 6.97
N ASP A 211 5.86 19.03 8.16
CA ASP A 211 7.00 18.67 8.99
C ASP A 211 6.59 18.24 10.40
N ASN A 212 5.32 17.93 10.63
CA ASN A 212 4.83 17.63 11.98
C ASN A 212 3.86 16.46 11.86
N TYR A 213 4.32 15.28 12.27
CA TYR A 213 3.49 14.09 12.27
C TYR A 213 3.97 13.16 13.38
N LYS A 214 3.11 12.24 13.78
CA LYS A 214 3.47 11.28 14.80
C LYS A 214 2.89 9.92 14.42
N ARG A 215 3.60 8.86 14.82
CA ARG A 215 3.08 7.50 14.62
C ARG A 215 2.19 7.19 15.81
N VAL A 216 0.87 7.30 15.61
CA VAL A 216 -0.07 7.16 16.72
C VAL A 216 0.03 5.77 17.33
N THR A 217 0.07 4.75 16.49
CA THR A 217 0.17 3.36 16.93
C THR A 217 0.40 2.50 15.69
N GLY A 218 0.32 1.19 15.87
CA GLY A 218 0.32 0.26 14.75
C GLY A 218 -0.44 -0.98 15.16
N THR A 219 -0.62 -1.87 14.21
CA THR A 219 -1.19 -3.18 14.51
C THR A 219 -0.42 -4.23 13.72
N SER A 220 -0.29 -5.41 14.31
CA SER A 220 0.38 -6.47 13.57
CA SER A 220 0.36 -6.54 13.66
C SER A 220 -0.57 -7.31 12.73
N LEU A 221 -1.85 -6.97 12.69
CA LEU A 221 -2.80 -7.67 11.82
C LEU A 221 -2.90 -6.91 10.51
N GLY A 222 -2.00 -7.23 9.59
CA GLY A 222 -1.88 -6.49 8.36
C GLY A 222 -1.93 -7.38 7.14
N GLY A 223 -1.31 -6.89 6.05
CA GLY A 223 -1.33 -7.64 4.81
C GLY A 223 -0.63 -8.97 4.90
N GLY A 224 0.38 -9.06 5.78
CA GLY A 224 1.08 -10.33 5.95
C GLY A 224 0.24 -11.34 6.71
N THR A 225 -0.65 -10.87 7.58
CA THR A 225 -1.60 -11.76 8.25
C THR A 225 -2.61 -12.30 7.26
N PHE A 226 -3.13 -11.43 6.39
CA PHE A 226 -4.02 -11.92 5.35
C PHE A 226 -3.34 -12.99 4.52
N LEU A 227 -2.15 -12.69 3.99
CA LEU A 227 -1.50 -13.62 3.07
C LEU A 227 -1.04 -14.88 3.79
N GLY A 228 -0.51 -14.73 5.01
CA GLY A 228 -0.01 -15.88 5.75
C GLY A 228 -1.12 -16.81 6.21
N LEU A 229 -2.19 -16.24 6.77
CA LEU A 229 -3.32 -17.09 7.20
C LEU A 229 -4.02 -17.73 6.01
N CYS A 230 -4.21 -16.97 4.93
CA CYS A 230 -4.80 -17.55 3.73
C CYS A 230 -4.00 -18.74 3.25
N SER A 231 -2.68 -18.59 3.18
CA SER A 231 -1.84 -19.67 2.71
C SER A 231 -1.99 -20.91 3.58
N LEU A 232 -2.06 -20.72 4.90
CA LEU A 232 -2.23 -21.85 5.79
C LEU A 232 -3.60 -22.50 5.63
N LEU A 233 -4.64 -21.67 5.50
CA LEU A 233 -6.01 -22.18 5.51
C LEU A 233 -6.45 -22.72 4.16
N THR A 234 -5.93 -22.19 3.05
CA THR A 234 -6.46 -22.50 1.74
C THR A 234 -5.43 -23.09 0.78
N GLY A 235 -4.14 -23.00 1.07
CA GLY A 235 -3.16 -23.47 0.12
C GLY A 235 -2.91 -22.55 -1.06
N CYS A 236 -3.46 -21.32 -1.03
CA CYS A 236 -3.17 -20.37 -2.09
C CYS A 236 -1.68 -20.10 -2.18
N GLU A 237 -1.22 -19.77 -3.39
CA GLU A 237 0.20 -19.60 -3.65
C GLU A 237 0.57 -18.17 -4.04
N SER A 238 -0.37 -17.23 -3.99
CA SER A 238 -0.07 -15.85 -4.29
C SER A 238 -1.15 -14.96 -3.70
N PHE A 239 -0.79 -13.69 -3.53
CA PHE A 239 -1.73 -12.67 -3.09
C PHE A 239 -2.92 -12.60 -4.04
N GLU A 240 -2.66 -12.58 -5.35
CA GLU A 240 -3.74 -12.50 -6.31
C GLU A 240 -4.65 -13.72 -6.24
N GLU A 241 -4.08 -14.91 -6.03
CA GLU A 241 -4.91 -16.10 -5.89
C GLU A 241 -5.78 -16.02 -4.63
N ALA A 242 -5.23 -15.48 -3.54
CA ALA A 242 -6.01 -15.36 -2.31
C ALA A 242 -7.20 -14.43 -2.51
N LEU A 243 -6.99 -13.31 -3.22
CA LEU A 243 -8.10 -12.39 -3.50
C LEU A 243 -9.14 -13.03 -4.41
N GLU A 244 -8.70 -13.80 -5.42
CA GLU A 244 -9.64 -14.50 -6.29
C GLU A 244 -10.50 -15.47 -5.50
N MET A 245 -9.89 -16.22 -4.58
CA MET A 245 -10.67 -17.12 -3.73
C MET A 245 -11.65 -16.34 -2.88
N ALA A 246 -11.18 -15.23 -2.29
CA ALA A 246 -12.02 -14.44 -1.40
C ALA A 246 -13.21 -13.85 -2.14
N SER A 247 -13.02 -13.49 -3.42
CA SER A 247 -14.15 -12.93 -4.17
C SER A 247 -15.27 -13.92 -4.37
N LYS A 248 -14.98 -15.22 -4.27
CA LYS A 248 -15.98 -16.26 -4.49
C LYS A 248 -16.58 -16.79 -3.20
N GLY A 249 -16.05 -16.40 -2.05
CA GLY A 249 -16.44 -16.97 -0.78
C GLY A 249 -17.52 -16.19 -0.03
N ASP A 250 -18.00 -16.81 1.04
CA ASP A 250 -19.02 -16.23 1.92
C ASP A 250 -18.45 -16.27 3.33
N SER A 251 -18.00 -15.13 3.84
CA SER A 251 -17.36 -15.11 5.15
C SER A 251 -18.31 -15.52 6.28
N THR A 252 -19.63 -15.43 6.07
CA THR A 252 -20.54 -15.76 7.16
C THR A 252 -20.62 -17.26 7.40
N GLN A 253 -20.06 -18.08 6.50
CA GLN A 253 -19.94 -19.50 6.78
C GLN A 253 -18.91 -19.78 7.87
N ALA A 254 -17.93 -18.90 8.04
CA ALA A 254 -16.91 -19.06 9.08
C ALA A 254 -17.13 -18.17 10.30
N ASP A 255 -17.65 -16.96 10.09
CA ASP A 255 -17.84 -16.00 11.18
C ASP A 255 -19.13 -16.24 11.92
N LYS A 256 -19.13 -15.92 13.23
CA LYS A 256 -20.33 -15.94 14.05
C LYS A 256 -20.86 -14.50 14.12
N LEU A 257 -22.08 -14.29 13.64
CA LEU A 257 -22.67 -12.95 13.54
C LEU A 257 -23.47 -12.63 14.79
N VAL A 258 -23.77 -11.34 14.96
CA VAL A 258 -24.64 -10.94 16.08
C VAL A 258 -25.96 -11.70 16.04
N ARG A 259 -26.55 -11.88 14.84
CA ARG A 259 -27.81 -12.61 14.77
C ARG A 259 -27.68 -14.08 15.14
N ASP A 260 -26.47 -14.65 15.06
CA ASP A 260 -26.28 -16.02 15.52
C ASP A 260 -26.29 -16.14 17.04
N ILE A 261 -26.05 -15.05 17.75
CA ILE A 261 -26.03 -15.04 19.21
C ILE A 261 -27.34 -14.53 19.79
N TYR A 262 -27.92 -13.50 19.16
CA TYR A 262 -29.14 -12.83 19.62
C TYR A 262 -30.40 -13.29 18.90
N GLY A 263 -30.27 -13.91 17.73
CA GLY A 263 -31.42 -14.16 16.88
C GLY A 263 -31.85 -12.96 16.06
N GLY A 264 -31.07 -11.89 16.08
CA GLY A 264 -31.45 -10.64 15.43
C GLY A 264 -30.46 -9.57 15.82
N ASP A 265 -30.89 -8.31 15.73
CA ASP A 265 -30.06 -7.22 16.20
C ASP A 265 -29.86 -7.28 17.71
N TYR A 266 -28.77 -6.69 18.19
CA TYR A 266 -28.63 -6.34 19.61
C TYR A 266 -29.04 -4.86 19.69
N GLU A 267 -30.32 -4.64 19.96
CA GLU A 267 -30.90 -3.31 19.74
C GLU A 267 -30.35 -2.28 20.72
N ARG A 268 -30.17 -2.67 21.97
CA ARG A 268 -29.79 -1.71 23.01
C ARG A 268 -28.52 -0.94 22.67
N PHE A 269 -27.56 -1.58 22.00
CA PHE A 269 -26.30 -0.93 21.65
C PHE A 269 -26.15 -0.76 20.14
N GLY A 270 -27.25 -0.82 19.40
CA GLY A 270 -27.22 -0.49 17.98
C GLY A 270 -26.33 -1.40 17.16
N LEU A 271 -26.25 -2.68 17.51
CA LEU A 271 -25.44 -3.60 16.74
C LEU A 271 -26.35 -4.37 15.80
N PRO A 272 -26.14 -4.26 14.48
CA PRO A 272 -27.04 -4.97 13.56
C PRO A 272 -26.74 -6.46 13.58
N GLY A 273 -27.77 -7.25 13.26
CA GLY A 273 -27.61 -8.69 13.26
C GLY A 273 -26.54 -9.19 12.29
N TRP A 274 -26.25 -8.41 11.23
CA TRP A 274 -25.25 -8.81 10.26
C TRP A 274 -23.82 -8.52 10.69
N ALA A 275 -23.62 -7.77 11.77
CA ALA A 275 -22.28 -7.47 12.23
C ALA A 275 -21.60 -8.76 12.71
N VAL A 276 -20.29 -8.84 12.48
CA VAL A 276 -19.52 -9.99 12.98
C VAL A 276 -19.30 -9.81 14.48
N ALA A 277 -19.77 -10.79 15.26
CA ALA A 277 -19.52 -10.85 16.70
C ALA A 277 -18.21 -11.56 16.98
N SER A 278 -17.93 -12.65 16.24
CA SER A 278 -16.73 -13.43 16.50
C SER A 278 -16.17 -13.91 15.16
N SER A 279 -15.05 -13.33 14.74
CA SER A 279 -14.40 -13.76 13.51
C SER A 279 -13.95 -15.21 13.62
N PHE A 280 -14.27 -16.03 12.61
CA PHE A 280 -14.00 -17.47 12.62
C PHE A 280 -14.72 -18.18 13.76
N GLY A 281 -15.70 -17.53 14.40
CA GLY A 281 -16.31 -18.12 15.57
C GLY A 281 -17.22 -19.29 15.31
N ASN A 282 -17.69 -19.45 14.07
CA ASN A 282 -18.45 -20.66 13.78
C ASN A 282 -17.54 -21.85 13.50
N MET A 283 -16.22 -21.64 13.48
CA MET A 283 -15.30 -22.76 13.26
C MET A 283 -14.99 -23.51 14.55
N ILE A 284 -15.63 -23.16 15.66
CA ILE A 284 -15.53 -24.01 16.86
C ILE A 284 -16.39 -25.26 16.76
N TYR A 285 -17.27 -25.36 15.76
CA TYR A 285 -18.12 -26.52 15.57
C TYR A 285 -17.54 -27.41 14.48
N LYS A 286 -17.31 -28.69 14.81
CA LYS A 286 -16.63 -29.56 13.87
C LYS A 286 -17.40 -29.70 12.57
N GLU A 287 -18.74 -29.82 12.65
CA GLU A 287 -19.52 -29.98 11.44
C GLU A 287 -19.41 -28.77 10.52
N LYS A 288 -19.26 -27.57 11.10
CA LYS A 288 -19.10 -26.38 10.26
C LYS A 288 -17.72 -26.33 9.63
N ARG A 289 -16.68 -26.74 10.37
CA ARG A 289 -15.35 -26.84 9.76
C ARG A 289 -15.33 -27.81 8.60
N GLU A 290 -16.17 -28.83 8.65
CA GLU A 290 -16.19 -29.84 7.60
C GLU A 290 -16.95 -29.39 6.36
N SER A 291 -17.78 -28.35 6.46
CA SER A 291 -18.55 -27.88 5.32
C SER A 291 -18.03 -26.59 4.71
N VAL A 292 -17.22 -25.83 5.44
CA VAL A 292 -16.73 -24.55 4.95
C VAL A 292 -15.80 -24.76 3.77
N SER A 293 -15.85 -23.85 2.80
CA SER A 293 -14.98 -23.95 1.64
C SER A 293 -13.72 -23.11 1.82
N LYS A 294 -12.70 -23.45 1.03
CA LYS A 294 -11.49 -22.63 1.01
C LYS A 294 -11.81 -21.20 0.63
N GLU A 295 -12.74 -21.00 -0.31
CA GLU A 295 -13.11 -19.64 -0.70
C GLU A 295 -13.76 -18.90 0.46
N ASP A 296 -14.63 -19.59 1.22
CA ASP A 296 -15.21 -19.00 2.42
C ASP A 296 -14.13 -18.59 3.42
N LEU A 297 -13.13 -19.45 3.61
CA LEU A 297 -12.06 -19.12 4.56
C LEU A 297 -11.23 -17.94 4.08
N ALA A 298 -10.96 -17.87 2.77
CA ALA A 298 -10.21 -16.72 2.26
C ALA A 298 -10.99 -15.43 2.48
N ARG A 299 -12.30 -15.45 2.21
CA ARG A 299 -13.08 -14.24 2.40
C ARG A 299 -13.18 -13.88 3.88
N ALA A 300 -13.36 -14.87 4.77
CA ALA A 300 -13.37 -14.56 6.21
C ALA A 300 -12.03 -13.96 6.65
N THR A 301 -10.90 -14.43 6.11
CA THR A 301 -9.62 -13.85 6.48
C THR A 301 -9.54 -12.40 6.01
N LEU A 302 -9.95 -12.14 4.77
CA LEU A 302 -9.95 -10.77 4.26
C LEU A 302 -10.84 -9.86 5.09
N VAL A 303 -12.08 -10.30 5.38
CA VAL A 303 -13.02 -9.49 6.14
C VAL A 303 -12.51 -9.20 7.55
N THR A 304 -11.93 -10.23 8.21
CA THR A 304 -11.41 -10.08 9.56
C THR A 304 -10.31 -9.03 9.63
N ILE A 305 -9.33 -9.14 8.73
CA ILE A 305 -8.20 -8.21 8.72
C ILE A 305 -8.67 -6.81 8.36
N THR A 306 -9.52 -6.70 7.34
CA THR A 306 -9.94 -5.37 6.87
C THR A 306 -10.76 -4.66 7.93
N ASN A 307 -11.72 -5.36 8.56
CA ASN A 307 -12.53 -4.71 9.60
C ASN A 307 -11.69 -4.30 10.79
N ASN A 308 -10.68 -5.10 11.15
CA ASN A 308 -9.85 -4.72 12.29
C ASN A 308 -9.06 -3.46 11.98
N ILE A 309 -8.53 -3.35 10.76
CA ILE A 309 -7.81 -2.14 10.37
C ILE A 309 -8.73 -0.94 10.39
N GLY A 310 -9.94 -1.08 9.85
CA GLY A 310 -10.87 0.02 9.87
C GLY A 310 -11.25 0.45 11.28
N SER A 311 -11.42 -0.53 12.18
CA SER A 311 -11.82 -0.19 13.53
C SER A 311 -10.68 0.52 14.28
N VAL A 312 -9.45 0.03 14.14
CA VAL A 312 -8.32 0.71 14.76
C VAL A 312 -8.18 2.13 14.19
N ALA A 313 -8.33 2.27 12.87
CA ALA A 313 -8.27 3.60 12.27
C ALA A 313 -9.33 4.51 12.82
N ARG A 314 -10.55 3.99 12.98
CA ARG A 314 -11.65 4.78 13.49
C ARG A 314 -11.36 5.26 14.92
N MET A 315 -10.87 4.36 15.78
CA MET A 315 -10.53 4.76 17.14
C MET A 315 -9.42 5.80 17.15
N CYS A 316 -8.42 5.66 16.28
CA CYS A 316 -7.32 6.63 16.24
C CYS A 316 -7.80 7.99 15.74
N ALA A 317 -8.65 7.98 14.71
CA ALA A 317 -9.18 9.23 14.18
C ALA A 317 -9.97 9.97 15.24
N VAL A 318 -10.79 9.25 16.00
CA VAL A 318 -11.60 9.90 17.03
C VAL A 318 -10.71 10.52 18.11
N ASN A 319 -9.69 9.77 18.55
CA ASN A 319 -8.82 10.31 19.59
C ASN A 319 -7.98 11.47 19.08
N GLU A 320 -7.57 11.44 17.81
CA GLU A 320 -6.75 12.51 17.25
C GLU A 320 -7.58 13.69 16.75
N LYS A 321 -8.91 13.58 16.77
CA LYS A 321 -9.82 14.62 16.28
C LYS A 321 -9.53 14.93 14.80
N ILE A 322 -9.45 13.86 14.01
CA ILE A 322 -9.17 13.93 12.59
C ILE A 322 -10.30 13.20 11.86
N ASN A 323 -10.86 13.82 10.81
CA ASN A 323 -12.00 13.18 10.14
C ASN A 323 -11.68 12.65 8.75
N ARG A 324 -10.47 12.83 8.23
CA ARG A 324 -10.07 12.28 6.94
C ARG A 324 -9.03 11.20 7.18
N VAL A 325 -9.34 9.98 6.73
CA VAL A 325 -8.47 8.82 6.95
C VAL A 325 -8.09 8.29 5.58
N VAL A 326 -6.80 8.33 5.24
CA VAL A 326 -6.31 7.83 3.96
C VAL A 326 -5.61 6.50 4.16
N PHE A 327 -6.00 5.51 3.38
CA PHE A 327 -5.44 4.17 3.47
C PHE A 327 -4.49 3.92 2.30
N VAL A 328 -3.26 3.50 2.61
CA VAL A 328 -2.23 3.23 1.61
C VAL A 328 -1.57 1.89 1.91
N GLY A 329 -0.62 1.51 1.09
CA GLY A 329 0.08 0.24 1.26
C GLY A 329 -0.43 -0.82 0.31
N ASN A 330 0.41 -1.84 0.06
CA ASN A 330 0.03 -2.74 -1.02
C ASN A 330 -0.95 -3.83 -0.62
N PHE A 331 -1.38 -3.90 0.64
CA PHE A 331 -2.53 -4.74 0.94
C PHE A 331 -3.72 -4.38 0.07
N LEU A 332 -3.82 -3.11 -0.32
CA LEU A 332 -4.97 -2.66 -1.09
C LEU A 332 -4.74 -2.67 -2.60
N ARG A 333 -3.57 -3.04 -3.09
CA ARG A 333 -3.41 -3.07 -4.54
C ARG A 333 -4.27 -4.19 -5.12
N VAL A 334 -4.87 -3.91 -6.29
CA VAL A 334 -5.86 -4.73 -6.98
C VAL A 334 -6.86 -5.38 -6.01
N ASN A 335 -7.24 -4.65 -4.96
CA ASN A 335 -8.06 -5.19 -3.87
C ASN A 335 -9.27 -4.26 -3.64
N THR A 336 -10.19 -4.24 -4.61
CA THR A 336 -11.37 -3.40 -4.46
CA THR A 336 -11.39 -3.42 -4.47
C THR A 336 -12.28 -3.91 -3.33
N LEU A 337 -12.28 -5.21 -3.07
CA LEU A 337 -13.07 -5.78 -1.97
C LEU A 337 -12.75 -5.09 -0.65
N SER A 338 -11.46 -5.08 -0.28
CA SER A 338 -11.08 -4.44 0.96
C SER A 338 -11.32 -2.93 0.93
N MET A 339 -11.06 -2.28 -0.22
CA MET A 339 -11.30 -0.84 -0.28
C MET A 339 -12.77 -0.52 -0.05
N LYS A 340 -13.67 -1.26 -0.71
CA LYS A 340 -15.10 -1.00 -0.55
C LYS A 340 -15.56 -1.36 0.86
N LEU A 341 -14.99 -2.41 1.45
CA LEU A 341 -15.33 -2.75 2.84
C LEU A 341 -14.90 -1.64 3.78
N LEU A 342 -13.70 -1.11 3.60
CA LEU A 342 -13.24 0.01 4.43
C LEU A 342 -14.12 1.24 4.25
N ALA A 343 -14.44 1.57 2.99
CA ALA A 343 -15.30 2.72 2.74
C ALA A 343 -16.64 2.57 3.45
N TYR A 344 -17.24 1.40 3.34
CA TYR A 344 -18.56 1.18 3.93
C TYR A 344 -18.47 1.15 5.45
N ALA A 345 -17.52 0.37 5.97
CA ALA A 345 -17.42 0.18 7.41
C ALA A 345 -17.04 1.47 8.12
N LEU A 346 -16.10 2.23 7.57
CA LEU A 346 -15.71 3.45 8.26
C LEU A 346 -16.87 4.42 8.33
N ASP A 347 -17.62 4.55 7.23
CA ASP A 347 -18.80 5.39 7.21
C ASP A 347 -19.87 4.87 8.17
N TYR A 348 -20.18 3.57 8.11
CA TYR A 348 -21.25 3.02 8.94
C TYR A 348 -20.94 3.17 10.43
N TRP A 349 -19.79 2.67 10.86
CA TRP A 349 -19.52 2.61 12.29
C TRP A 349 -19.17 3.98 12.87
N SER A 350 -18.80 4.95 12.05
CA SER A 350 -18.57 6.29 12.56
C SER A 350 -19.80 7.18 12.44
N LYS A 351 -20.95 6.62 12.03
CA LYS A 351 -22.17 7.38 11.84
C LYS A 351 -21.95 8.55 10.89
N GLY A 352 -21.18 8.32 9.83
CA GLY A 352 -20.94 9.32 8.80
C GLY A 352 -19.93 10.38 9.15
N GLN A 353 -19.23 10.26 10.28
CA GLN A 353 -18.31 11.30 10.72
C GLN A 353 -16.90 11.17 10.14
N LEU A 354 -16.52 9.99 9.69
CA LEU A 354 -15.22 9.78 9.08
C LEU A 354 -15.41 9.38 7.62
N LYS A 355 -14.44 9.75 6.79
CA LYS A 355 -14.43 9.39 5.37
C LYS A 355 -13.16 8.63 5.03
N ALA A 356 -13.32 7.51 4.34
CA ALA A 356 -12.19 6.71 3.87
C ALA A 356 -11.69 7.24 2.54
N LEU A 357 -10.39 7.52 2.47
CA LEU A 357 -9.74 8.05 1.28
C LEU A 357 -8.68 7.07 0.81
N PHE A 358 -8.45 7.05 -0.51
CA PHE A 358 -7.52 6.14 -1.13
C PHE A 358 -6.66 6.90 -2.13
N LEU A 359 -5.48 6.36 -2.45
CA LEU A 359 -4.56 7.04 -3.34
C LEU A 359 -4.14 6.12 -4.48
N GLU A 360 -4.07 6.66 -5.69
CA GLU A 360 -3.77 5.84 -6.85
C GLU A 360 -2.39 5.19 -6.76
N HIS A 361 -1.45 5.85 -6.10
CA HIS A 361 -0.11 5.36 -6.02
C HIS A 361 0.18 4.21 -5.04
N GLU A 362 -0.85 3.76 -4.36
CA GLU A 362 -0.75 2.53 -3.61
C GLU A 362 0.39 2.43 -2.59
N GLY A 363 1.40 1.66 -2.98
CA GLY A 363 2.45 1.33 -2.10
C GLY A 363 3.75 2.04 -2.41
N TYR A 364 3.75 3.07 -3.24
CA TYR A 364 4.99 3.65 -3.75
C TYR A 364 5.44 4.92 -3.04
N PHE A 365 4.71 5.40 -2.03
CA PHE A 365 5.05 6.72 -1.49
C PHE A 365 6.42 6.75 -0.83
N GLY A 366 6.78 5.70 -0.08
CA GLY A 366 8.09 5.70 0.54
C GLY A 366 9.23 5.76 -0.47
N ALA A 367 9.09 5.02 -1.58
CA ALA A 367 10.11 5.06 -2.62
C ALA A 367 10.24 6.44 -3.24
N VAL A 368 9.12 7.13 -3.45
CA VAL A 368 9.17 8.48 -3.97
C VAL A 368 9.82 9.41 -2.95
N GLY A 369 9.44 9.29 -1.67
CA GLY A 369 10.03 10.12 -0.63
C GLY A 369 11.54 9.94 -0.53
N ALA A 370 12.02 8.72 -0.69
CA ALA A 370 13.46 8.45 -0.70
C ALA A 370 14.14 9.17 -1.87
N LEU A 371 13.57 9.05 -3.07
CA LEU A 371 14.12 9.75 -4.23
C LEU A 371 14.20 11.24 -3.98
N LEU A 372 13.20 11.80 -3.31
CA LEU A 372 13.19 13.24 -3.05
C LEU A 372 14.28 13.66 -2.09
N GLY A 373 14.88 12.72 -1.36
CA GLY A 373 16.02 13.04 -0.50
C GLY A 373 17.34 13.19 -1.23
N LEU A 374 17.38 12.90 -2.52
CA LEU A 374 18.65 12.97 -3.26
C LEU A 374 19.37 14.31 -3.14
N PRO A 375 18.70 15.48 -3.23
CA PRO A 375 19.45 16.75 -3.18
C PRO A 375 20.23 16.96 -1.89
N ASN A 376 19.84 16.31 -0.79
CA ASN A 376 20.57 16.46 0.46
C ASN A 376 21.92 15.76 0.44
N PHE A 377 22.28 15.08 -0.64
CA PHE A 377 23.55 14.37 -0.71
C PHE A 377 24.30 14.74 -1.99
#